data_1FL1
#
_entry.id   1FL1
#
_cell.length_a   53.58
_cell.length_b   53.58
_cell.length_c   323.06
_cell.angle_alpha   90.0
_cell.angle_beta   90.0
_cell.angle_gamma   120.0
#
_symmetry.space_group_name_H-M   'P 31 2 1'
#
loop_
_entity.id
_entity.type
_entity.pdbx_description
1 polymer PROTEASE
2 non-polymer 'POTASSIUM ION'
3 water water
#
_entity_poly.entity_id   1
_entity_poly.type   'polypeptide(L)'
_entity_poly.pdbx_seq_one_letter_code
;MAQGLYVGGFVDVVSCPKLEQELYLDPDQVTDYLPVTEPLPITIEHLPETEVGWTLGLFQVSHGIFCTGAITSPAFLELA
SRLADTSHVARAPVKNLPKEPLLEILHTWLPGLSLSSIHPRELSQTPSGPVFQHVSLCALGRRRGTVAVYGHDAEWVVSR
FSSVSKSERAHILQHVSSCRLEDLSTPNFVSPLETLMAKAIDAGFIRDRLDLLKTDRGVASILSPVYLKA
;
_entity_poly.pdbx_strand_id   A,B
#
loop_
_chem_comp.id
_chem_comp.type
_chem_comp.name
_chem_comp.formula
K non-polymer 'POTASSIUM ION' 'K 1'
#
# COMPACT_ATOMS: atom_id res chain seq x y z
N ALA A 2 13.11 -18.38 -18.93
CA ALA A 2 12.70 -17.11 -18.26
C ALA A 2 11.27 -16.72 -18.65
N GLN A 3 10.47 -17.71 -19.07
CA GLN A 3 9.08 -17.50 -19.46
C GLN A 3 8.14 -17.76 -18.28
N GLY A 4 7.96 -19.03 -17.95
CA GLY A 4 7.10 -19.40 -16.85
C GLY A 4 7.48 -18.76 -15.53
N LEU A 5 6.52 -18.73 -14.61
CA LEU A 5 6.72 -18.16 -13.28
C LEU A 5 6.45 -19.22 -12.21
N TYR A 6 7.47 -19.54 -11.41
CA TYR A 6 7.33 -20.54 -10.35
C TYR A 6 7.39 -19.85 -9.00
N VAL A 7 6.81 -20.48 -7.99
CA VAL A 7 6.86 -19.93 -6.66
C VAL A 7 7.14 -21.10 -5.74
N GLY A 8 7.95 -20.86 -4.72
CA GLY A 8 8.28 -21.92 -3.78
C GLY A 8 8.43 -21.37 -2.38
N GLY A 9 8.18 -22.21 -1.38
CA GLY A 9 8.31 -21.77 -0.01
C GLY A 9 7.53 -22.67 0.91
N PHE A 10 7.80 -22.58 2.21
CA PHE A 10 7.08 -23.41 3.16
C PHE A 10 5.73 -22.81 3.50
N VAL A 11 4.76 -23.68 3.77
CA VAL A 11 3.43 -23.24 4.17
C VAL A 11 3.34 -23.59 5.65
N ASP A 12 4.36 -24.30 6.12
CA ASP A 12 4.48 -24.68 7.53
C ASP A 12 5.90 -25.19 7.80
N VAL A 13 6.54 -24.61 8.80
CA VAL A 13 7.89 -25.01 9.15
C VAL A 13 7.89 -25.77 10.46
N VAL A 14 7.94 -27.09 10.38
CA VAL A 14 7.94 -27.93 11.57
C VAL A 14 9.21 -27.68 12.39
N SER A 15 10.35 -28.03 11.82
CA SER A 15 11.64 -27.85 12.47
C SER A 15 11.85 -26.40 12.88
N GLU A 38 -2.81 -33.89 -6.51
CA GLU A 38 -3.86 -33.09 -7.21
C GLU A 38 -3.59 -31.60 -7.03
N PRO A 39 -3.41 -30.87 -8.14
CA PRO A 39 -3.13 -29.43 -8.09
C PRO A 39 -4.20 -28.60 -7.35
N LEU A 40 -3.73 -27.75 -6.45
CA LEU A 40 -4.61 -26.86 -5.69
C LEU A 40 -4.48 -25.49 -6.31
N PRO A 41 -5.58 -24.72 -6.32
CA PRO A 41 -5.46 -23.38 -6.91
C PRO A 41 -4.60 -22.46 -6.04
N ILE A 42 -3.91 -21.52 -6.68
CA ILE A 42 -3.09 -20.54 -5.96
C ILE A 42 -3.88 -19.24 -6.04
N THR A 43 -4.22 -18.67 -4.89
CA THR A 43 -5.01 -17.46 -4.87
C THR A 43 -4.33 -16.33 -4.14
N ILE A 44 -5.03 -15.21 -4.07
CA ILE A 44 -4.48 -14.04 -3.40
C ILE A 44 -5.24 -13.69 -2.14
N GLU A 45 -4.52 -13.64 -1.02
CA GLU A 45 -5.10 -13.28 0.27
C GLU A 45 -6.41 -14.00 0.59
N HIS A 46 -6.51 -15.26 0.18
CA HIS A 46 -7.71 -16.05 0.45
C HIS A 46 -8.98 -15.48 -0.19
N LEU A 47 -8.83 -14.50 -1.07
CA LEU A 47 -9.98 -13.90 -1.72
C LEU A 47 -10.55 -14.80 -2.81
N PRO A 48 -11.86 -14.71 -3.06
CA PRO A 48 -12.52 -15.52 -4.10
C PRO A 48 -12.18 -14.93 -5.45
N GLU A 49 -12.14 -15.77 -6.48
CA GLU A 49 -11.85 -15.34 -7.83
C GLU A 49 -10.48 -14.70 -8.02
N THR A 50 -9.49 -15.13 -7.24
CA THR A 50 -8.13 -14.60 -7.37
C THR A 50 -7.12 -15.71 -7.68
N GLU A 51 -7.57 -16.72 -8.42
CA GLU A 51 -6.69 -17.82 -8.80
C GLU A 51 -5.70 -17.30 -9.83
N VAL A 52 -4.41 -17.40 -9.51
CA VAL A 52 -3.36 -16.94 -10.42
C VAL A 52 -2.58 -18.11 -11.01
N GLY A 53 -2.83 -19.30 -10.48
CA GLY A 53 -2.14 -20.49 -10.97
C GLY A 53 -2.48 -21.72 -10.15
N TRP A 54 -1.57 -22.70 -10.13
CA TRP A 54 -1.82 -23.94 -9.39
C TRP A 54 -0.57 -24.47 -8.69
N THR A 55 -0.79 -25.14 -7.57
CA THR A 55 0.32 -25.74 -6.83
C THR A 55 0.77 -26.95 -7.66
N LEU A 56 2.09 -27.15 -7.76
CA LEU A 56 2.62 -28.28 -8.52
C LEU A 56 3.00 -29.36 -7.52
N GLY A 57 2.62 -29.16 -6.26
CA GLY A 57 2.93 -30.16 -5.26
C GLY A 57 3.23 -29.60 -3.89
N LEU A 58 2.82 -30.35 -2.88
CA LEU A 58 3.06 -29.98 -1.50
C LEU A 58 3.85 -31.17 -0.98
N PHE A 59 5.07 -30.91 -0.51
CA PHE A 59 5.95 -31.97 -0.05
C PHE A 59 6.27 -31.96 1.43
N GLN A 60 6.33 -33.15 1.99
CA GLN A 60 6.64 -33.33 3.40
C GLN A 60 8.17 -33.44 3.45
N VAL A 61 8.82 -32.39 3.97
CA VAL A 61 10.27 -32.40 4.05
C VAL A 61 10.70 -32.32 5.50
N SER A 62 11.97 -32.56 5.77
CA SER A 62 12.44 -32.52 7.15
C SER A 62 11.97 -31.29 7.92
N HIS A 63 12.20 -30.10 7.39
CA HIS A 63 11.82 -28.88 8.11
C HIS A 63 10.37 -28.40 8.03
N GLY A 64 9.50 -29.14 7.35
CA GLY A 64 8.10 -28.74 7.27
C GLY A 64 7.39 -29.20 6.03
N ILE A 65 6.45 -28.38 5.57
CA ILE A 65 5.68 -28.68 4.37
C ILE A 65 6.08 -27.67 3.32
N PHE A 66 6.81 -28.12 2.31
CA PHE A 66 7.26 -27.22 1.27
C PHE A 66 6.30 -27.24 0.09
N CYS A 67 6.05 -26.05 -0.45
CA CYS A 67 5.13 -25.91 -1.57
C CYS A 67 5.82 -25.40 -2.81
N THR A 68 5.35 -25.85 -3.96
CA THR A 68 5.88 -25.42 -5.24
C THR A 68 4.67 -25.16 -6.14
N GLY A 69 4.71 -24.06 -6.89
CA GLY A 69 3.58 -23.76 -7.76
C GLY A 69 3.97 -23.00 -9.00
N ALA A 70 3.06 -22.94 -9.97
CA ALA A 70 3.35 -22.20 -11.20
C ALA A 70 2.31 -21.07 -11.33
N ILE A 71 2.78 -19.85 -11.57
CA ILE A 71 1.91 -18.69 -11.74
C ILE A 71 1.62 -18.61 -13.22
N THR A 72 0.39 -18.90 -13.61
CA THR A 72 0.05 -18.92 -15.03
C THR A 72 -1.06 -17.99 -15.53
N SER A 73 -1.84 -17.42 -14.60
CA SER A 73 -2.93 -16.53 -15.00
C SER A 73 -2.43 -15.39 -15.89
N PRO A 74 -2.91 -15.34 -17.14
CA PRO A 74 -2.50 -14.28 -18.06
C PRO A 74 -2.92 -12.91 -17.54
N ALA A 75 -4.14 -12.85 -17.00
CA ALA A 75 -4.65 -11.60 -16.48
C ALA A 75 -3.80 -11.12 -15.31
N PHE A 76 -3.54 -12.03 -14.37
CA PHE A 76 -2.74 -11.70 -13.20
C PHE A 76 -1.33 -11.27 -13.56
N LEU A 77 -0.71 -11.97 -14.51
CA LEU A 77 0.65 -11.64 -14.93
C LEU A 77 0.70 -10.26 -15.59
N GLU A 78 -0.34 -9.92 -16.37
CA GLU A 78 -0.39 -8.62 -17.02
C GLU A 78 -0.51 -7.55 -15.94
N LEU A 79 -1.36 -7.82 -14.95
CA LEU A 79 -1.56 -6.89 -13.84
C LEU A 79 -0.26 -6.69 -13.07
N ALA A 80 0.37 -7.79 -12.67
CA ALA A 80 1.61 -7.71 -11.93
C ALA A 80 2.63 -6.92 -12.74
N SER A 81 2.68 -7.22 -14.03
CA SER A 81 3.60 -6.54 -14.92
C SER A 81 3.27 -5.05 -15.00
N ARG A 82 1.98 -4.72 -15.09
CA ARG A 82 1.53 -3.33 -15.15
C ARG A 82 1.93 -2.63 -13.83
N LEU A 83 1.80 -3.33 -12.71
CA LEU A 83 2.17 -2.75 -11.41
C LEU A 83 3.67 -2.51 -11.29
N ALA A 84 4.46 -3.45 -11.80
CA ALA A 84 5.92 -3.33 -11.74
C ALA A 84 6.43 -2.15 -12.54
N ASP A 85 5.75 -1.84 -13.64
CA ASP A 85 6.16 -0.72 -14.48
C ASP A 85 6.18 0.63 -13.75
N THR A 86 5.16 0.92 -12.95
CA THR A 86 5.13 2.20 -12.25
C THR A 86 5.60 2.13 -10.80
N SER A 87 5.93 0.93 -10.34
CA SER A 87 6.40 0.74 -8.98
C SER A 87 7.84 1.17 -8.80
N HIS A 88 8.18 1.50 -7.57
CA HIS A 88 9.54 1.89 -7.27
C HIS A 88 10.52 0.79 -7.69
N VAL A 89 10.06 -0.45 -7.78
CA VAL A 89 10.93 -1.57 -8.13
C VAL A 89 11.51 -1.46 -9.54
N ALA A 90 10.78 -0.79 -10.42
CA ALA A 90 11.25 -0.63 -11.79
C ALA A 90 12.36 0.41 -11.86
N ARG A 91 12.53 1.18 -10.79
CA ARG A 91 13.55 2.22 -10.75
C ARG A 91 14.66 1.91 -9.75
N ALA A 92 14.44 0.91 -8.90
CA ALA A 92 15.44 0.53 -7.90
C ALA A 92 16.75 0.08 -8.56
N PRO A 93 17.88 0.61 -8.07
CA PRO A 93 19.21 0.28 -8.60
C PRO A 93 19.55 -1.20 -8.40
N VAL A 94 20.30 -1.77 -9.35
CA VAL A 94 20.70 -3.18 -9.25
C VAL A 94 21.53 -3.39 -7.98
N LYS A 95 21.30 -4.51 -7.30
CA LYS A 95 22.04 -4.87 -6.09
C LYS A 95 23.02 -5.98 -6.45
N ASN A 96 22.57 -7.23 -6.35
CA ASN A 96 23.42 -8.37 -6.68
C ASN A 96 22.90 -9.14 -7.89
N LEU A 97 21.60 -9.01 -8.14
CA LEU A 97 20.94 -9.70 -9.23
C LEU A 97 20.47 -8.74 -10.32
N PRO A 98 20.20 -9.27 -11.52
CA PRO A 98 19.74 -8.43 -12.62
C PRO A 98 18.27 -8.06 -12.39
N LYS A 99 17.86 -6.89 -12.87
CA LYS A 99 16.49 -6.43 -12.70
C LYS A 99 15.44 -7.41 -13.19
N GLU A 100 14.45 -7.67 -12.34
CA GLU A 100 13.33 -8.58 -12.64
C GLU A 100 12.08 -7.96 -12.00
N PRO A 101 11.59 -6.86 -12.58
CA PRO A 101 10.43 -6.10 -12.12
C PRO A 101 9.25 -6.96 -11.67
N LEU A 102 8.93 -7.99 -12.45
CA LEU A 102 7.82 -8.87 -12.12
C LEU A 102 8.08 -9.61 -10.81
N LEU A 103 9.25 -10.22 -10.72
CA LEU A 103 9.66 -10.96 -9.53
C LEU A 103 9.73 -10.06 -8.33
N GLU A 104 10.26 -8.85 -8.55
CA GLU A 104 10.44 -7.88 -7.48
C GLU A 104 9.14 -7.27 -6.98
N ILE A 105 8.17 -7.08 -7.86
CA ILE A 105 6.91 -6.51 -7.42
C ILE A 105 6.13 -7.59 -6.65
N LEU A 106 6.30 -8.85 -7.05
CA LEU A 106 5.61 -9.94 -6.33
C LEU A 106 6.17 -10.05 -4.92
N HIS A 107 7.47 -9.81 -4.79
CA HIS A 107 8.11 -9.87 -3.48
C HIS A 107 7.78 -8.66 -2.63
N THR A 108 7.28 -7.60 -3.25
CA THR A 108 6.93 -6.39 -2.50
C THR A 108 5.46 -6.45 -2.11
N TRP A 109 4.66 -6.98 -3.02
CA TRP A 109 3.22 -7.10 -2.88
C TRP A 109 2.76 -8.35 -2.12
N LEU A 110 3.21 -9.53 -2.56
CA LEU A 110 2.78 -10.77 -1.95
C LEU A 110 3.97 -11.68 -1.60
N PRO A 111 4.77 -11.29 -0.61
CA PRO A 111 5.95 -12.08 -0.20
C PRO A 111 5.68 -13.30 0.67
N GLY A 112 4.44 -13.49 1.09
CA GLY A 112 4.13 -14.60 1.96
C GLY A 112 3.21 -15.66 1.39
N LEU A 113 3.24 -16.82 2.03
CA LEU A 113 2.43 -17.94 1.61
C LEU A 113 1.57 -18.41 2.76
N SER A 114 0.42 -18.97 2.42
CA SER A 114 -0.49 -19.47 3.43
C SER A 114 -1.38 -20.57 2.87
N LEU A 115 -1.36 -21.74 3.51
CA LEU A 115 -2.19 -22.86 3.05
C LEU A 115 -3.53 -22.81 3.75
N SER A 116 -4.60 -22.88 2.98
CA SER A 116 -5.95 -22.85 3.54
C SER A 116 -6.19 -24.05 4.45
N PHE A 132 -6.89 -30.10 1.71
CA PHE A 132 -6.32 -28.78 1.33
C PHE A 132 -7.11 -28.15 0.19
N GLN A 133 -7.61 -26.94 0.42
CA GLN A 133 -8.39 -26.23 -0.60
C GLN A 133 -7.50 -25.43 -1.54
N HIS A 134 -6.77 -24.46 -1.00
CA HIS A 134 -5.89 -23.65 -1.82
C HIS A 134 -4.69 -23.11 -1.06
N VAL A 135 -3.79 -22.49 -1.81
CA VAL A 135 -2.58 -21.87 -1.28
C VAL A 135 -2.63 -20.40 -1.70
N SER A 136 -2.57 -19.51 -0.73
CA SER A 136 -2.62 -18.08 -1.04
C SER A 136 -1.31 -17.32 -0.89
N LEU A 137 -1.09 -16.41 -1.83
CA LEU A 137 0.07 -15.52 -1.82
C LEU A 137 -0.49 -14.39 -0.96
N CYS A 138 0.24 -13.99 0.08
CA CYS A 138 -0.23 -12.95 1.00
C CYS A 138 0.79 -11.87 1.26
N ALA A 139 0.31 -10.80 1.91
CA ALA A 139 1.18 -9.69 2.29
C ALA A 139 2.13 -10.20 3.38
N LEU A 140 1.67 -11.19 4.15
CA LEU A 140 2.46 -11.78 5.23
C LEU A 140 1.84 -13.11 5.58
N GLY A 141 2.65 -14.15 5.72
CA GLY A 141 2.09 -15.44 6.05
C GLY A 141 1.52 -15.52 7.47
N ARG A 142 0.54 -16.39 7.66
CA ARG A 142 -0.10 -16.58 8.95
C ARG A 142 0.90 -17.23 9.91
N ARG A 143 1.65 -18.20 9.40
CA ARG A 143 2.66 -18.88 10.20
C ARG A 143 4.03 -18.32 9.83
N ARG A 144 4.97 -18.38 10.78
CA ARG A 144 6.33 -17.88 10.56
C ARG A 144 7.16 -18.77 9.66
N GLY A 145 8.05 -18.15 8.88
CA GLY A 145 8.92 -18.90 7.99
C GLY A 145 8.28 -19.19 6.65
N THR A 146 7.09 -18.65 6.42
CA THR A 146 6.36 -18.88 5.19
C THR A 146 6.62 -17.88 4.07
N VAL A 147 7.84 -17.38 4.00
CA VAL A 147 8.19 -16.42 2.97
C VAL A 147 8.43 -17.16 1.65
N ALA A 148 7.92 -16.59 0.56
CA ALA A 148 8.04 -17.18 -0.76
C ALA A 148 9.27 -16.77 -1.52
N VAL A 149 9.62 -17.55 -2.54
CA VAL A 149 10.72 -17.23 -3.43
C VAL A 149 10.13 -17.33 -4.83
N TYR A 150 10.12 -16.23 -5.55
CA TYR A 150 9.59 -16.19 -6.91
C TYR A 150 10.78 -16.24 -7.86
N GLY A 151 10.62 -16.92 -8.98
CA GLY A 151 11.70 -17.01 -9.95
C GLY A 151 11.26 -17.67 -11.25
N HIS A 152 12.11 -17.61 -12.27
CA HIS A 152 11.76 -18.21 -13.56
C HIS A 152 12.34 -19.63 -13.66
N ASP A 153 13.31 -19.91 -12.81
CA ASP A 153 14.00 -21.20 -12.78
C ASP A 153 13.58 -21.98 -11.54
N ALA A 154 12.78 -23.02 -11.74
CA ALA A 154 12.30 -23.85 -10.64
C ALA A 154 13.45 -24.39 -9.79
N GLU A 155 14.53 -24.82 -10.44
CA GLU A 155 15.68 -25.36 -9.71
C GLU A 155 16.33 -24.27 -8.85
N TRP A 156 16.42 -23.06 -9.40
CA TRP A 156 17.01 -21.95 -8.66
C TRP A 156 16.12 -21.64 -7.45
N VAL A 157 14.80 -21.65 -7.69
CA VAL A 157 13.84 -21.36 -6.62
C VAL A 157 14.05 -22.34 -5.46
N VAL A 158 13.94 -23.64 -5.74
CA VAL A 158 14.11 -24.63 -4.68
C VAL A 158 15.52 -24.58 -4.07
N SER A 159 16.55 -24.30 -4.87
CA SER A 159 17.92 -24.22 -4.35
C SER A 159 18.13 -23.07 -3.36
N ARG A 160 17.20 -22.12 -3.31
CA ARG A 160 17.35 -21.02 -2.36
C ARG A 160 17.14 -21.49 -0.93
N PHE A 161 16.42 -22.59 -0.76
CA PHE A 161 16.13 -23.12 0.57
C PHE A 161 17.14 -24.15 1.05
N SER A 162 18.12 -23.67 1.82
CA SER A 162 19.17 -24.54 2.34
C SER A 162 18.66 -25.51 3.39
N SER A 163 17.40 -25.35 3.80
CA SER A 163 16.77 -26.22 4.77
C SER A 163 16.15 -27.42 4.05
N VAL A 164 16.14 -27.34 2.73
CA VAL A 164 15.62 -28.42 1.92
C VAL A 164 16.84 -29.18 1.42
N SER A 165 17.00 -30.43 1.85
CA SER A 165 18.16 -31.24 1.47
C SER A 165 18.26 -31.47 -0.02
N LYS A 166 19.46 -31.87 -0.46
CA LYS A 166 19.70 -32.14 -1.86
C LYS A 166 18.78 -33.24 -2.36
N SER A 167 18.58 -34.29 -1.57
CA SER A 167 17.69 -35.38 -1.99
C SER A 167 16.25 -34.86 -2.09
N GLU A 168 15.82 -34.07 -1.11
CA GLU A 168 14.48 -33.52 -1.11
C GLU A 168 14.30 -32.65 -2.35
N ARG A 169 15.28 -31.79 -2.61
CA ARG A 169 15.22 -30.92 -3.78
C ARG A 169 15.13 -31.74 -5.07
N ALA A 170 15.87 -32.84 -5.15
CA ALA A 170 15.83 -33.65 -6.35
C ALA A 170 14.42 -34.24 -6.55
N HIS A 171 13.80 -34.69 -5.48
CA HIS A 171 12.45 -35.24 -5.56
C HIS A 171 11.45 -34.18 -6.02
N ILE A 172 11.52 -33.01 -5.38
CA ILE A 172 10.64 -31.90 -5.72
C ILE A 172 10.82 -31.50 -7.19
N LEU A 173 12.07 -31.36 -7.64
CA LEU A 173 12.30 -30.95 -9.01
C LEU A 173 11.86 -31.97 -10.06
N GLN A 174 12.05 -33.25 -9.76
CA GLN A 174 11.64 -34.31 -10.69
C GLN A 174 10.14 -34.24 -10.83
N HIS A 175 9.46 -33.98 -9.73
CA HIS A 175 8.02 -33.88 -9.73
C HIS A 175 7.61 -32.65 -10.55
N VAL A 176 8.27 -31.53 -10.29
CA VAL A 176 7.95 -30.28 -10.99
C VAL A 176 8.05 -30.40 -12.51
N SER A 177 9.23 -30.75 -12.99
CA SER A 177 9.45 -30.89 -14.41
C SER A 177 8.62 -32.00 -15.06
N SER A 178 7.96 -32.83 -14.27
CA SER A 178 7.14 -33.88 -14.85
C SER A 178 5.75 -33.34 -15.16
N CYS A 179 5.62 -32.02 -15.09
CA CYS A 179 4.34 -31.39 -15.37
C CYS A 179 4.48 -30.36 -16.47
N ARG A 180 3.85 -30.62 -17.62
CA ARG A 180 3.90 -29.66 -18.72
C ARG A 180 2.92 -28.57 -18.29
N LEU A 181 3.42 -27.35 -18.14
CA LEU A 181 2.58 -26.25 -17.69
C LEU A 181 1.59 -25.74 -18.73
N GLU A 182 1.98 -25.76 -20.00
CA GLU A 182 1.09 -25.30 -21.06
C GLU A 182 -0.09 -26.23 -21.23
N ASP A 183 -0.60 -26.76 -20.12
CA ASP A 183 -1.74 -27.66 -20.19
C ASP A 183 -2.56 -27.74 -18.90
N LEU A 184 -2.35 -26.79 -18.00
CA LEU A 184 -3.11 -26.74 -16.76
C LEU A 184 -4.35 -25.88 -17.09
N SER A 185 -5.44 -26.07 -16.36
CA SER A 185 -6.64 -25.30 -16.62
C SER A 185 -6.46 -23.81 -16.26
N THR A 186 -7.06 -22.95 -17.08
CA THR A 186 -6.97 -21.51 -16.87
C THR A 186 -7.48 -21.13 -15.49
N PRO A 187 -6.71 -20.29 -14.77
CA PRO A 187 -7.08 -19.84 -13.42
C PRO A 187 -8.19 -18.79 -13.50
N ASN A 188 -9.14 -18.85 -12.58
CA ASN A 188 -10.23 -17.89 -12.55
C ASN A 188 -9.77 -16.61 -11.86
N PHE A 189 -9.32 -15.64 -12.65
CA PHE A 189 -8.86 -14.38 -12.09
C PHE A 189 -9.79 -13.28 -12.60
N VAL A 190 -10.81 -12.96 -11.81
CA VAL A 190 -11.76 -11.93 -12.20
C VAL A 190 -12.13 -10.95 -11.08
N SER A 191 -11.53 -11.13 -9.91
CA SER A 191 -11.83 -10.23 -8.78
C SER A 191 -11.60 -8.76 -9.15
N PRO A 192 -12.49 -7.87 -8.67
CA PRO A 192 -12.34 -6.44 -8.98
C PRO A 192 -10.99 -5.99 -8.45
N LEU A 193 -10.33 -5.10 -9.18
CA LEU A 193 -9.03 -4.60 -8.76
C LEU A 193 -9.14 -3.95 -7.39
N GLU A 194 -10.27 -3.30 -7.13
CA GLU A 194 -10.51 -2.62 -5.86
C GLU A 194 -10.22 -3.51 -4.67
N THR A 195 -10.78 -4.72 -4.70
CA THR A 195 -10.61 -5.68 -3.63
C THR A 195 -9.15 -5.99 -3.34
N LEU A 196 -8.34 -6.13 -4.38
CA LEU A 196 -6.92 -6.43 -4.20
C LEU A 196 -6.21 -5.21 -3.64
N MET A 197 -6.57 -4.04 -4.15
CA MET A 197 -5.95 -2.82 -3.66
C MET A 197 -6.25 -2.60 -2.18
N ALA A 198 -7.48 -2.89 -1.75
CA ALA A 198 -7.83 -2.72 -0.34
C ALA A 198 -6.85 -3.55 0.51
N LYS A 199 -6.59 -4.77 0.06
CA LYS A 199 -5.68 -5.67 0.76
C LYS A 199 -4.27 -5.10 0.82
N ALA A 200 -3.82 -4.52 -0.28
CA ALA A 200 -2.48 -3.92 -0.33
C ALA A 200 -2.38 -2.74 0.63
N ILE A 201 -3.44 -1.95 0.73
CA ILE A 201 -3.43 -0.80 1.63
C ILE A 201 -3.39 -1.30 3.06
N ASP A 202 -4.18 -2.32 3.37
CA ASP A 202 -4.21 -2.90 4.71
C ASP A 202 -2.84 -3.47 5.08
N ALA A 203 -2.18 -4.14 4.14
CA ALA A 203 -0.86 -4.73 4.42
C ALA A 203 0.07 -3.69 5.01
N GLY A 204 -0.04 -2.46 4.52
CA GLY A 204 0.82 -1.40 5.00
C GLY A 204 0.68 -1.15 6.49
N PHE A 205 -0.46 -1.54 7.06
CA PHE A 205 -0.68 -1.34 8.48
C PHE A 205 -0.58 -2.58 9.34
N ILE A 206 0.02 -3.64 8.79
CA ILE A 206 0.23 -4.87 9.55
C ILE A 206 1.45 -4.56 10.39
N ARG A 207 1.28 -4.58 11.70
CA ARG A 207 2.36 -4.27 12.63
C ARG A 207 3.54 -5.24 12.56
N ASP A 208 4.75 -4.69 12.54
CA ASP A 208 5.96 -5.50 12.51
C ASP A 208 6.09 -6.38 11.28
N ARG A 209 5.35 -6.03 10.22
CA ARG A 209 5.38 -6.81 8.99
C ARG A 209 6.77 -6.99 8.41
N LEU A 210 7.46 -5.88 8.17
CA LEU A 210 8.80 -5.95 7.59
C LEU A 210 9.78 -6.68 8.49
N ASP A 211 9.58 -6.60 9.80
CA ASP A 211 10.48 -7.28 10.73
C ASP A 211 10.18 -8.76 10.73
N LEU A 212 8.90 -9.11 10.68
CA LEU A 212 8.49 -10.51 10.66
C LEU A 212 8.94 -11.17 9.36
N LEU A 213 8.95 -10.40 8.27
CA LEU A 213 9.38 -10.94 6.98
C LEU A 213 10.87 -11.26 7.03
N LYS A 214 11.63 -10.43 7.73
CA LYS A 214 13.07 -10.64 7.86
C LYS A 214 13.34 -11.92 8.63
N THR A 215 12.63 -12.09 9.76
CA THR A 215 12.82 -13.29 10.57
C THR A 215 12.28 -14.51 9.81
N ASP A 216 11.19 -14.33 9.06
CA ASP A 216 10.63 -15.43 8.28
C ASP A 216 11.70 -15.97 7.33
N ARG A 217 12.50 -15.06 6.77
CA ARG A 217 13.56 -15.45 5.86
C ARG A 217 14.61 -16.31 6.57
N GLY A 218 14.93 -15.95 7.81
CA GLY A 218 15.90 -16.73 8.57
C GLY A 218 15.35 -18.10 8.93
N VAL A 219 14.08 -18.13 9.34
CA VAL A 219 13.42 -19.37 9.72
C VAL A 219 13.35 -20.35 8.56
N ALA A 220 13.17 -19.82 7.35
CA ALA A 220 13.10 -20.68 6.18
C ALA A 220 14.49 -21.05 5.66
N SER A 221 15.52 -20.41 6.21
CA SER A 221 16.91 -20.66 5.80
C SER A 221 17.13 -20.35 4.33
N ILE A 222 16.68 -19.19 3.89
CA ILE A 222 16.84 -18.80 2.50
C ILE A 222 18.22 -18.23 2.24
N LEU A 223 18.87 -18.74 1.20
CA LEU A 223 20.20 -18.32 0.83
C LEU A 223 20.21 -17.20 -0.18
N SER A 224 21.11 -16.24 0.04
CA SER A 224 21.27 -15.10 -0.85
C SER A 224 22.11 -15.56 -2.04
N PRO A 225 21.97 -14.88 -3.18
CA PRO A 225 21.07 -13.73 -3.38
C PRO A 225 19.66 -14.14 -3.80
N VAL A 226 18.67 -13.34 -3.38
CA VAL A 226 17.27 -13.57 -3.72
C VAL A 226 16.58 -12.23 -3.93
N TYR A 227 15.43 -12.23 -4.58
CA TYR A 227 14.74 -10.97 -4.83
C TYR A 227 13.85 -10.55 -3.66
N LEU A 228 13.89 -11.27 -2.55
CA LEU A 228 13.09 -10.90 -1.39
C LEU A 228 13.43 -9.44 -1.09
N LYS A 229 12.48 -8.70 -0.51
CA LYS A 229 12.71 -7.29 -0.24
C LYS A 229 12.91 -6.98 1.24
N ALA A 230 12.99 -8.03 2.03
CA ALA A 230 13.18 -7.92 3.47
C ALA A 230 14.10 -9.06 3.92
N ALA B 2 -22.11 16.29 7.80
CA ALA B 2 -21.29 15.13 7.35
C ALA B 2 -21.50 14.81 5.88
N GLN B 3 -21.75 15.85 5.07
CA GLN B 3 -21.95 15.70 3.63
C GLN B 3 -20.62 15.92 2.92
N GLY B 4 -19.96 17.03 3.23
CA GLY B 4 -18.68 17.34 2.61
C GLY B 4 -17.54 16.61 3.30
N LEU B 5 -16.45 16.41 2.57
CA LEU B 5 -15.27 15.72 3.11
C LEU B 5 -14.14 16.74 3.14
N TYR B 6 -13.63 17.02 4.34
CA TYR B 6 -12.56 17.99 4.49
C TYR B 6 -11.24 17.36 4.93
N VAL B 7 -10.16 18.06 4.65
CA VAL B 7 -8.85 17.59 5.06
C VAL B 7 -8.06 18.81 5.50
N GLY B 8 -7.20 18.60 6.50
CA GLY B 8 -6.35 19.67 7.02
C GLY B 8 -5.08 19.13 7.65
N GLY B 9 -4.04 19.95 7.69
CA GLY B 9 -2.79 19.52 8.30
C GLY B 9 -1.61 20.34 7.80
N PHE B 10 -0.43 20.15 8.39
CA PHE B 10 0.74 20.89 7.94
C PHE B 10 1.41 20.22 6.76
N VAL B 11 1.97 21.03 5.87
CA VAL B 11 2.69 20.53 4.72
C VAL B 11 4.16 20.74 5.08
N ASP B 12 4.37 21.48 6.17
CA ASP B 12 5.71 21.76 6.68
C ASP B 12 5.65 22.31 8.12
N VAL B 13 6.40 21.70 9.02
CA VAL B 13 6.45 22.13 10.42
C VAL B 13 7.86 22.67 10.70
N VAL B 14 7.94 23.92 11.16
CA VAL B 14 9.23 24.53 11.45
C VAL B 14 9.86 23.92 12.72
N ASP B 28 14.84 27.66 -1.00
CA ASP B 28 15.03 28.20 0.36
C ASP B 28 13.74 28.13 1.18
N GLN B 29 13.02 29.24 1.21
CA GLN B 29 11.78 29.29 1.98
C GLN B 29 10.61 29.86 1.17
N VAL B 30 9.40 29.48 1.51
CA VAL B 30 8.22 29.95 0.81
C VAL B 30 7.39 30.87 1.71
N THR B 31 7.94 31.23 2.84
CA THR B 31 7.25 32.11 3.79
C THR B 31 7.21 33.54 3.25
N ASP B 32 6.60 33.73 2.08
CA ASP B 32 6.56 35.04 1.45
C ASP B 32 5.68 34.99 0.22
N TYR B 33 5.19 33.80 -0.10
CA TYR B 33 4.31 33.65 -1.24
C TYR B 33 2.97 33.17 -0.68
N LEU B 34 2.92 33.15 0.65
CA LEU B 34 1.72 32.77 1.38
C LEU B 34 1.03 34.07 1.81
N PRO B 35 -0.29 34.02 2.03
CA PRO B 35 -1.05 32.76 1.87
C PRO B 35 -1.57 32.59 0.45
N VAL B 36 -2.05 31.39 0.17
CA VAL B 36 -2.65 31.10 -1.12
C VAL B 36 -4.10 30.82 -0.79
N THR B 37 -4.97 31.73 -1.19
CA THR B 37 -6.38 31.59 -0.90
C THR B 37 -7.08 31.04 -2.13
N GLU B 38 -6.38 31.03 -3.24
CA GLU B 38 -6.95 30.52 -4.48
C GLU B 38 -6.87 28.99 -4.47
N PRO B 39 -7.94 28.32 -4.91
CA PRO B 39 -7.99 26.86 -4.94
C PRO B 39 -6.87 26.19 -5.74
N LEU B 40 -6.10 25.36 -5.06
CA LEU B 40 -5.02 24.60 -5.68
C LEU B 40 -5.51 23.17 -5.75
N PRO B 41 -5.11 22.41 -6.78
CA PRO B 41 -5.58 21.03 -6.86
C PRO B 41 -4.99 20.13 -5.77
N ILE B 42 -5.79 19.18 -5.29
CA ILE B 42 -5.32 18.22 -4.30
C ILE B 42 -5.15 16.92 -5.07
N THR B 43 -3.93 16.40 -5.10
CA THR B 43 -3.63 15.18 -5.83
C THR B 43 -3.11 14.02 -4.96
N ILE B 44 -2.81 12.91 -5.61
CA ILE B 44 -2.32 11.74 -4.91
C ILE B 44 -0.89 11.38 -5.31
N GLU B 45 -0.01 11.32 -4.33
CA GLU B 45 1.38 10.94 -4.56
C GLU B 45 1.99 11.67 -5.75
N HIS B 46 1.64 12.94 -5.92
CA HIS B 46 2.18 13.75 -7.01
C HIS B 46 1.98 13.15 -8.39
N LEU B 47 1.01 12.23 -8.52
CA LEU B 47 0.72 11.61 -9.80
C LEU B 47 -0.23 12.47 -10.62
N PRO B 48 -0.08 12.46 -11.95
CA PRO B 48 -0.97 13.28 -12.79
C PRO B 48 -2.33 12.62 -12.90
N GLU B 49 -3.36 13.41 -13.17
CA GLU B 49 -4.72 12.90 -13.32
C GLU B 49 -5.29 12.27 -12.06
N THR B 50 -4.81 12.73 -10.91
CA THR B 50 -5.28 12.20 -9.63
C THR B 50 -5.84 13.31 -8.75
N GLU B 51 -6.47 14.30 -9.39
CA GLU B 51 -7.07 15.41 -8.65
C GLU B 51 -8.31 14.90 -7.94
N VAL B 52 -8.34 15.10 -6.63
CA VAL B 52 -9.45 14.63 -5.81
C VAL B 52 -10.26 15.79 -5.23
N GLY B 53 -9.71 16.99 -5.32
CA GLY B 53 -10.41 18.15 -4.79
C GLY B 53 -9.55 19.39 -4.80
N TRP B 54 -9.90 20.36 -3.97
CA TRP B 54 -9.16 21.61 -3.94
C TRP B 54 -8.86 22.14 -2.56
N THR B 55 -7.76 22.87 -2.47
CA THR B 55 -7.36 23.48 -1.21
C THR B 55 -8.27 24.68 -1.00
N LEU B 56 -8.55 24.96 0.27
CA LEU B 56 -9.41 26.08 0.62
C LEU B 56 -8.57 27.08 1.37
N GLY B 57 -7.26 27.00 1.19
CA GLY B 57 -6.38 27.92 1.86
C GLY B 57 -5.10 27.30 2.36
N LEU B 58 -3.99 28.00 2.14
CA LEU B 58 -2.68 27.60 2.59
C LEU B 58 -2.23 28.79 3.42
N PHE B 59 -1.94 28.56 4.69
CA PHE B 59 -1.56 29.66 5.55
C PHE B 59 -0.29 29.46 6.35
N GLN B 60 0.35 30.56 6.67
CA GLN B 60 1.54 30.54 7.47
C GLN B 60 0.99 30.73 8.89
N VAL B 61 1.47 29.93 9.83
CA VAL B 61 1.05 30.04 11.22
C VAL B 61 2.29 29.83 12.06
N SER B 62 2.16 29.99 13.38
CA SER B 62 3.29 29.85 14.27
C SER B 62 4.16 28.62 14.07
N HIS B 63 3.53 27.46 13.91
CA HIS B 63 4.30 26.24 13.78
C HIS B 63 4.56 25.69 12.39
N GLY B 64 4.23 26.47 11.37
CA GLY B 64 4.49 25.99 10.03
C GLY B 64 3.46 26.46 9.03
N ILE B 65 3.40 25.78 7.89
CA ILE B 65 2.47 26.10 6.83
C ILE B 65 1.32 25.12 6.95
N PHE B 66 0.14 25.64 7.29
CA PHE B 66 -1.02 24.80 7.46
C PHE B 66 -1.91 24.80 6.23
N CYS B 67 -2.46 23.65 5.91
CA CYS B 67 -3.33 23.55 4.75
C CYS B 67 -4.71 22.99 5.09
N THR B 68 -5.71 23.46 4.35
CA THR B 68 -7.07 22.97 4.53
C THR B 68 -7.62 22.74 3.13
N GLY B 69 -8.50 21.76 2.97
CA GLY B 69 -9.05 21.52 1.65
C GLY B 69 -10.30 20.68 1.69
N ALA B 70 -10.91 20.47 0.53
CA ALA B 70 -12.10 19.65 0.47
C ALA B 70 -11.89 18.60 -0.60
N ILE B 71 -12.33 17.38 -0.31
CA ILE B 71 -12.24 16.25 -1.23
C ILE B 71 -13.60 16.19 -1.89
N THR B 72 -13.65 16.55 -3.16
CA THR B 72 -14.90 16.61 -3.89
C THR B 72 -15.05 15.63 -5.04
N SER B 73 -13.93 15.15 -5.56
CA SER B 73 -13.98 14.22 -6.68
C SER B 73 -14.94 13.06 -6.45
N PRO B 74 -16.03 13.02 -7.23
CA PRO B 74 -17.04 11.96 -7.11
C PRO B 74 -16.45 10.58 -7.42
N ALA B 75 -15.62 10.54 -8.47
CA ALA B 75 -14.97 9.30 -8.89
C ALA B 75 -14.05 8.80 -7.78
N PHE B 76 -13.35 9.72 -7.14
CA PHE B 76 -12.45 9.35 -6.07
C PHE B 76 -13.24 8.91 -4.85
N LEU B 77 -14.28 9.66 -4.51
CA LEU B 77 -15.09 9.31 -3.36
C LEU B 77 -15.71 7.93 -3.54
N GLU B 78 -16.00 7.57 -4.80
CA GLU B 78 -16.58 6.27 -5.10
C GLU B 78 -15.48 5.22 -4.87
N LEU B 79 -14.30 5.51 -5.40
CA LEU B 79 -13.16 4.63 -5.27
C LEU B 79 -12.88 4.41 -3.78
N ALA B 80 -12.64 5.51 -3.07
CA ALA B 80 -12.33 5.42 -1.64
C ALA B 80 -13.41 4.66 -0.93
N SER B 81 -14.64 4.86 -1.36
CA SER B 81 -15.76 4.17 -0.73
C SER B 81 -15.70 2.67 -0.98
N ARG B 82 -15.42 2.25 -2.21
CA ARG B 82 -15.34 0.82 -2.52
C ARG B 82 -14.18 0.20 -1.75
N LEU B 83 -13.09 0.94 -1.63
CA LEU B 83 -11.94 0.45 -0.88
C LEU B 83 -12.29 0.16 0.56
N ALA B 84 -12.92 1.12 1.23
CA ALA B 84 -13.29 0.96 2.63
C ALA B 84 -14.24 -0.20 2.87
N ASP B 85 -15.08 -0.50 1.88
CA ASP B 85 -16.03 -1.60 2.00
C ASP B 85 -15.37 -2.95 2.24
N THR B 86 -14.25 -3.20 1.59
CA THR B 86 -13.57 -4.48 1.75
C THR B 86 -12.38 -4.41 2.69
N SER B 87 -11.86 -3.20 2.90
CA SER B 87 -10.73 -3.01 3.78
C SER B 87 -11.02 -3.49 5.20
N HIS B 88 -9.96 -3.79 5.92
CA HIS B 88 -10.05 -4.23 7.30
C HIS B 88 -10.75 -3.16 8.16
N VAL B 89 -10.68 -1.90 7.74
CA VAL B 89 -11.29 -0.84 8.53
C VAL B 89 -12.81 -0.98 8.62
N ALA B 90 -13.39 -1.74 7.70
CA ALA B 90 -14.83 -1.95 7.70
C ALA B 90 -15.32 -2.73 8.92
N ARG B 91 -14.50 -3.65 9.38
CA ARG B 91 -14.86 -4.48 10.53
C ARG B 91 -14.07 -4.16 11.78
N ALA B 92 -13.17 -3.19 11.68
CA ALA B 92 -12.37 -2.80 12.83
C ALA B 92 -13.28 -2.31 13.96
N PRO B 93 -13.07 -2.81 15.18
CA PRO B 93 -13.87 -2.42 16.36
C PRO B 93 -13.84 -0.92 16.65
N VAL B 94 -14.96 -0.41 17.14
CA VAL B 94 -15.06 1.01 17.48
C VAL B 94 -14.18 1.32 18.68
N LYS B 95 -13.46 2.44 18.62
CA LYS B 95 -12.58 2.86 19.70
C LYS B 95 -13.26 4.00 20.49
N ASN B 96 -13.02 5.25 20.07
CA ASN B 96 -13.60 6.42 20.73
C ASN B 96 -14.59 7.18 19.83
N LEU B 97 -14.52 6.92 18.54
CA LEU B 97 -15.40 7.59 17.58
C LEU B 97 -16.27 6.63 16.80
N PRO B 98 -17.41 7.13 16.30
CA PRO B 98 -18.30 6.26 15.53
C PRO B 98 -17.55 5.84 14.27
N LYS B 99 -18.01 4.76 13.66
CA LYS B 99 -17.40 4.22 12.45
C LYS B 99 -17.54 5.10 11.22
N GLU B 100 -16.42 5.46 10.62
CA GLU B 100 -16.40 6.27 9.39
C GLU B 100 -15.40 5.61 8.42
N PRO B 101 -15.83 4.55 7.73
CA PRO B 101 -14.98 3.82 6.79
C PRO B 101 -14.19 4.70 5.83
N LEU B 102 -14.86 5.70 5.27
CA LEU B 102 -14.25 6.62 4.32
C LEU B 102 -13.06 7.32 4.94
N LEU B 103 -13.29 7.98 6.06
CA LEU B 103 -12.24 8.68 6.75
C LEU B 103 -11.14 7.73 7.19
N GLU B 104 -11.53 6.57 7.70
CA GLU B 104 -10.56 5.60 8.17
C GLU B 104 -9.72 5.00 7.06
N ILE B 105 -10.31 4.74 5.90
CA ILE B 105 -9.54 4.19 4.80
C ILE B 105 -8.55 5.27 4.35
N LEU B 106 -8.98 6.53 4.36
CA LEU B 106 -8.09 7.62 3.96
C LEU B 106 -6.90 7.69 4.92
N HIS B 107 -7.14 7.48 6.21
CA HIS B 107 -6.04 7.52 7.18
C HIS B 107 -5.12 6.29 7.09
N THR B 108 -5.55 5.25 6.40
CA THR B 108 -4.74 4.04 6.25
C THR B 108 -3.92 4.15 4.97
N TRP B 109 -4.58 4.67 3.96
CA TRP B 109 -4.05 4.84 2.62
C TRP B 109 -3.19 6.08 2.39
N LEU B 110 -3.76 7.26 2.62
CA LEU B 110 -3.04 8.51 2.38
C LEU B 110 -3.01 9.43 3.60
N PRO B 111 -2.29 9.03 4.65
CA PRO B 111 -2.20 9.83 5.88
C PRO B 111 -1.29 11.06 5.82
N GLY B 112 -0.51 11.22 4.76
CA GLY B 112 0.39 12.35 4.69
C GLY B 112 0.05 13.45 3.71
N LEU B 113 0.69 14.61 3.91
CA LEU B 113 0.47 15.78 3.06
C LEU B 113 1.78 16.30 2.50
N SER B 114 1.75 16.70 1.24
CA SER B 114 2.95 17.22 0.62
C SER B 114 2.64 18.35 -0.36
N LEU B 115 3.20 19.51 -0.10
CA LEU B 115 3.00 20.67 -0.96
C LEU B 115 4.05 20.65 -2.06
N SER B 116 3.65 20.92 -3.30
CA SER B 116 4.60 20.94 -4.41
C SER B 116 4.77 22.38 -4.93
N SER B 117 6.03 22.71 -5.23
CA SER B 117 6.46 24.06 -5.59
C SER B 117 7.67 24.07 -6.51
N ILE B 118 7.96 25.17 -7.09
CA ILE B 118 9.12 25.20 -7.89
C ILE B 118 10.22 25.54 -6.89
N HIS B 119 11.43 25.15 -7.06
CA HIS B 119 12.15 26.07 -6.26
C HIS B 119 12.56 27.29 -7.13
N PRO B 120 12.84 28.45 -6.47
CA PRO B 120 13.30 29.63 -7.18
C PRO B 120 14.76 29.55 -7.56
N PRO B 130 0.73 31.12 -9.26
CA PRO B 130 1.23 29.85 -9.83
C PRO B 130 2.59 29.44 -9.24
N VAL B 131 2.83 29.82 -8.00
CA VAL B 131 4.08 29.48 -7.33
C VAL B 131 3.99 28.05 -6.79
N PHE B 132 2.77 27.62 -6.48
CA PHE B 132 2.52 26.28 -5.98
C PHE B 132 1.61 25.59 -6.99
N GLN B 133 1.87 24.31 -7.27
CA GLN B 133 1.06 23.61 -8.24
C GLN B 133 -0.06 22.80 -7.59
N HIS B 134 0.26 22.11 -6.49
CA HIS B 134 -0.75 21.30 -5.83
C HIS B 134 -0.31 20.81 -4.47
N VAL B 135 -1.25 20.19 -3.76
CA VAL B 135 -0.98 19.60 -2.46
C VAL B 135 -1.27 18.12 -2.68
N SER B 136 -0.38 17.25 -2.23
CA SER B 136 -0.62 15.82 -2.42
C SER B 136 -0.87 15.04 -1.16
N LEU B 137 -1.84 14.15 -1.26
CA LEU B 137 -2.18 13.23 -0.19
C LEU B 137 -1.18 12.11 -0.47
N CYS B 138 -0.49 11.61 0.56
CA CYS B 138 0.48 10.55 0.32
C CYS B 138 0.62 9.54 1.45
N ALA B 139 1.34 8.45 1.17
CA ALA B 139 1.55 7.38 2.14
C ALA B 139 2.30 7.88 3.37
N LEU B 140 3.24 8.79 3.14
CA LEU B 140 4.04 9.33 4.23
C LEU B 140 4.68 10.63 3.78
N GLY B 141 4.55 11.68 4.59
CA GLY B 141 5.15 12.95 4.23
C GLY B 141 6.67 12.88 4.32
N ARG B 142 7.37 13.55 3.43
CA ARG B 142 8.82 13.53 3.49
C ARG B 142 9.27 14.39 4.67
N ARG B 143 8.45 15.37 5.00
CA ARG B 143 8.74 16.26 6.13
C ARG B 143 7.97 15.76 7.35
N ARG B 144 8.58 15.85 8.53
CA ARG B 144 7.95 15.39 9.75
C ARG B 144 6.75 16.24 10.19
N GLY B 145 5.81 15.60 10.88
CA GLY B 145 4.62 16.29 11.36
C GLY B 145 3.64 16.69 10.26
N THR B 146 3.79 16.12 9.07
CA THR B 146 2.91 16.45 7.95
C THR B 146 1.78 15.44 7.80
N VAL B 147 1.25 15.02 8.94
CA VAL B 147 0.18 14.06 8.94
C VAL B 147 -1.17 14.78 8.82
N ALA B 148 -2.08 14.22 8.03
CA ALA B 148 -3.37 14.84 7.82
C ALA B 148 -4.47 14.41 8.78
N VAL B 149 -5.53 15.21 8.81
CA VAL B 149 -6.71 14.90 9.61
C VAL B 149 -7.86 15.02 8.63
N TYR B 150 -8.63 13.95 8.49
CA TYR B 150 -9.76 13.92 7.58
C TYR B 150 -11.05 13.99 8.39
N GLY B 151 -12.05 14.69 7.86
CA GLY B 151 -13.30 14.79 8.59
C GLY B 151 -14.41 15.39 7.75
N HIS B 152 -15.61 15.33 8.30
CA HIS B 152 -16.76 15.89 7.62
C HIS B 152 -17.04 17.28 8.17
N ASP B 153 -16.41 17.61 9.30
CA ASP B 153 -16.60 18.89 9.94
C ASP B 153 -15.29 19.70 9.95
N ALA B 154 -15.25 20.73 9.10
CA ALA B 154 -14.06 21.57 8.98
C ALA B 154 -13.59 22.10 10.33
N GLU B 155 -14.51 22.61 11.14
CA GLU B 155 -14.13 23.15 12.45
C GLU B 155 -13.47 22.07 13.32
N TRP B 156 -14.10 20.90 13.39
CA TRP B 156 -13.56 19.79 14.16
C TRP B 156 -12.18 19.47 13.63
N VAL B 157 -12.08 19.39 12.30
CA VAL B 157 -10.80 19.09 11.66
C VAL B 157 -9.71 20.05 12.08
N VAL B 158 -9.95 21.35 11.99
CA VAL B 158 -8.91 22.29 12.35
C VAL B 158 -8.66 22.32 13.85
N SER B 159 -9.72 22.16 14.63
CA SER B 159 -9.56 22.16 16.08
C SER B 159 -8.70 21.00 16.59
N ARG B 160 -8.47 19.99 15.74
CA ARG B 160 -7.66 18.83 16.12
C ARG B 160 -6.20 19.20 16.35
N PHE B 161 -5.80 20.33 15.77
CA PHE B 161 -4.43 20.81 15.87
C PHE B 161 -4.29 21.79 17.02
N SER B 162 -3.81 21.29 18.15
CA SER B 162 -3.65 22.14 19.32
C SER B 162 -2.52 23.14 19.11
N SER B 163 -1.74 22.97 18.05
CA SER B 163 -0.63 23.88 17.74
C SER B 163 -1.12 25.09 16.96
N VAL B 164 -2.39 25.05 16.56
CA VAL B 164 -3.03 26.14 15.83
C VAL B 164 -3.90 26.90 16.81
N SER B 165 -3.50 28.13 17.12
CA SER B 165 -4.22 28.99 18.08
C SER B 165 -5.67 29.21 17.69
N LYS B 166 -6.45 29.64 18.67
CA LYS B 166 -7.86 29.90 18.47
C LYS B 166 -8.07 30.93 17.37
N SER B 167 -7.32 32.03 17.42
CA SER B 167 -7.43 33.10 16.42
C SER B 167 -7.05 32.59 15.03
N GLU B 168 -5.97 31.83 14.97
CA GLU B 168 -5.52 31.22 13.72
C GLU B 168 -6.62 30.34 13.13
N ARG B 169 -7.23 29.51 13.97
CA ARG B 169 -8.30 28.62 13.52
C ARG B 169 -9.49 29.39 12.99
N ALA B 170 -9.95 30.36 13.78
CA ALA B 170 -11.09 31.17 13.40
C ALA B 170 -10.85 31.81 12.04
N HIS B 171 -9.61 32.24 11.81
CA HIS B 171 -9.23 32.88 10.55
C HIS B 171 -9.33 31.86 9.41
N ILE B 172 -8.67 30.72 9.60
CA ILE B 172 -8.67 29.65 8.60
C ILE B 172 -10.10 29.25 8.23
N LEU B 173 -10.93 29.01 9.24
CA LEU B 173 -12.32 28.60 9.00
C LEU B 173 -13.13 29.66 8.28
N GLN B 174 -12.78 30.92 8.49
CA GLN B 174 -13.48 32.02 7.84
C GLN B 174 -13.32 31.83 6.32
N HIS B 175 -12.14 31.45 5.89
CA HIS B 175 -11.89 31.20 4.47
C HIS B 175 -12.61 29.96 3.96
N VAL B 176 -12.61 28.91 4.77
CA VAL B 176 -13.26 27.66 4.39
C VAL B 176 -14.76 27.86 4.12
N SER B 177 -15.44 28.53 5.06
CA SER B 177 -16.86 28.78 4.94
C SER B 177 -17.22 29.80 3.87
N SER B 178 -16.28 30.66 3.51
CA SER B 178 -16.55 31.68 2.50
C SER B 178 -16.58 31.09 1.10
N CYS B 179 -16.39 29.77 0.98
CA CYS B 179 -16.43 29.12 -0.32
C CYS B 179 -17.48 28.03 -0.41
N ARG B 180 -18.29 28.08 -1.47
CA ARG B 180 -19.32 27.08 -1.69
C ARG B 180 -18.72 25.97 -2.55
N LEU B 181 -18.43 24.84 -1.91
CA LEU B 181 -17.85 23.69 -2.59
C LEU B 181 -18.60 23.35 -3.88
N GLU B 182 -19.86 23.74 -3.92
CA GLU B 182 -20.74 23.50 -5.08
C GLU B 182 -20.31 24.27 -6.32
N ASP B 183 -19.37 25.20 -6.16
CA ASP B 183 -18.92 26.01 -7.29
C ASP B 183 -17.51 25.64 -7.73
N LEU B 184 -16.93 24.65 -7.07
CA LEU B 184 -15.58 24.21 -7.42
C LEU B 184 -15.66 23.31 -8.65
N SER B 185 -14.74 23.51 -9.59
CA SER B 185 -14.72 22.71 -10.80
C SER B 185 -14.48 21.22 -10.51
N THR B 186 -14.92 20.36 -11.41
CA THR B 186 -14.76 18.92 -11.26
C THR B 186 -13.30 18.52 -11.39
N PRO B 187 -12.74 17.86 -10.36
CA PRO B 187 -11.34 17.42 -10.36
C PRO B 187 -11.03 16.41 -11.49
N ASN B 188 -9.82 16.48 -12.03
CA ASN B 188 -9.38 15.56 -13.10
C ASN B 188 -8.84 14.27 -12.48
N PHE B 189 -9.72 13.31 -12.26
CA PHE B 189 -9.36 12.03 -11.67
C PHE B 189 -9.66 10.88 -12.63
N VAL B 190 -8.71 10.56 -13.50
CA VAL B 190 -8.90 9.48 -14.47
C VAL B 190 -7.77 8.46 -14.46
N SER B 191 -6.67 8.81 -13.80
CA SER B 191 -5.50 7.94 -13.69
C SER B 191 -5.87 6.47 -13.51
N PRO B 192 -5.11 5.57 -14.16
CA PRO B 192 -5.37 4.13 -14.03
C PRO B 192 -5.26 3.74 -12.58
N LEU B 193 -6.12 2.82 -12.13
CA LEU B 193 -6.09 2.37 -10.75
C LEU B 193 -4.78 1.67 -10.41
N GLU B 194 -4.21 0.94 -11.39
CA GLU B 194 -2.96 0.23 -11.18
C GLU B 194 -1.87 1.16 -10.66
N THR B 195 -1.79 2.34 -11.24
CA THR B 195 -0.78 3.32 -10.83
C THR B 195 -0.87 3.67 -9.33
N LEU B 196 -2.09 3.77 -8.82
CA LEU B 196 -2.32 4.09 -7.41
C LEU B 196 -1.98 2.86 -6.59
N MET B 197 -2.42 1.70 -7.07
CA MET B 197 -2.14 0.46 -6.37
C MET B 197 -0.64 0.23 -6.21
N ALA B 198 0.13 0.52 -7.25
CA ALA B 198 1.58 0.34 -7.18
C ALA B 198 2.14 1.21 -6.04
N LYS B 199 1.66 2.45 -5.93
CA LYS B 199 2.11 3.33 -4.86
C LYS B 199 1.73 2.76 -3.50
N ALA B 200 0.52 2.19 -3.42
CA ALA B 200 0.05 1.59 -2.18
C ALA B 200 0.95 0.42 -1.80
N ILE B 201 1.30 -0.40 -2.79
CA ILE B 201 2.18 -1.54 -2.56
C ILE B 201 3.55 -1.05 -2.07
N ASP B 202 4.12 -0.07 -2.79
CA ASP B 202 5.43 0.47 -2.41
C ASP B 202 5.43 1.04 -0.98
N ALA B 203 4.30 1.59 -0.55
CA ALA B 203 4.20 2.20 0.76
C ALA B 203 4.47 1.22 1.91
N GLY B 204 3.95 0.00 1.79
CA GLY B 204 4.16 -0.98 2.85
C GLY B 204 5.63 -1.31 3.04
N PHE B 205 6.46 -0.93 2.09
CA PHE B 205 7.88 -1.21 2.23
C PHE B 205 8.71 -0.01 2.59
N ILE B 206 8.05 1.09 2.89
CA ILE B 206 8.74 2.30 3.30
C ILE B 206 9.12 1.98 4.75
N ARG B 207 10.41 2.00 5.03
CA ARG B 207 10.90 1.67 6.37
C ARG B 207 10.43 2.62 7.47
N ASP B 208 10.02 2.03 8.58
CA ASP B 208 9.55 2.77 9.75
C ASP B 208 8.38 3.70 9.48
N ARG B 209 7.63 3.45 8.41
CA ARG B 209 6.49 4.28 8.07
C ARG B 209 5.52 4.42 9.24
N LEU B 210 5.18 3.30 9.87
CA LEU B 210 4.26 3.32 11.00
C LEU B 210 4.84 4.08 12.19
N ASP B 211 6.14 3.94 12.41
CA ASP B 211 6.77 4.64 13.52
C ASP B 211 6.78 6.13 13.21
N LEU B 212 7.25 6.47 12.01
CA LEU B 212 7.31 7.84 11.57
C LEU B 212 5.95 8.51 11.65
N LEU B 213 4.93 7.75 11.25
CA LEU B 213 3.55 8.23 11.26
C LEU B 213 3.13 8.58 12.68
N LYS B 214 3.55 7.77 13.63
CA LYS B 214 3.22 7.99 15.03
C LYS B 214 3.89 9.25 15.54
N THR B 215 5.14 9.47 15.16
CA THR B 215 5.85 10.66 15.59
C THR B 215 5.18 11.90 15.02
N ASP B 216 4.92 11.87 13.72
CA ASP B 216 4.26 12.98 13.03
C ASP B 216 3.05 13.47 13.81
N ARG B 217 2.23 12.53 14.30
CA ARG B 217 1.04 12.86 15.06
C ARG B 217 1.43 13.76 16.23
N GLY B 218 2.51 13.41 16.93
CA GLY B 218 2.96 14.20 18.06
C GLY B 218 3.50 15.55 17.63
N VAL B 219 4.35 15.55 16.62
CA VAL B 219 4.94 16.77 16.12
C VAL B 219 3.87 17.76 15.71
N ALA B 220 2.76 17.25 15.17
CA ALA B 220 1.66 18.10 14.73
C ALA B 220 0.76 18.52 15.89
N SER B 221 1.00 17.94 17.06
CA SER B 221 0.21 18.24 18.27
C SER B 221 -1.27 17.97 18.05
N ILE B 222 -1.59 16.87 17.39
CA ILE B 222 -2.98 16.52 17.14
C ILE B 222 -3.64 15.96 18.40
N LEU B 223 -4.86 16.43 18.68
CA LEU B 223 -5.60 16.01 19.86
C LEU B 223 -6.55 14.85 19.59
N SER B 224 -6.65 13.94 20.54
CA SER B 224 -7.56 12.80 20.40
C SER B 224 -8.95 13.23 20.85
N PRO B 225 -10.00 12.55 20.37
CA PRO B 225 -9.87 11.41 19.45
C PRO B 225 -9.83 11.84 17.98
N VAL B 226 -9.17 11.02 17.16
CA VAL B 226 -9.09 11.27 15.73
C VAL B 226 -9.09 9.93 15.02
N TYR B 227 -9.35 9.95 13.71
CA TYR B 227 -9.38 8.72 12.96
C TYR B 227 -8.00 8.29 12.48
N LEU B 228 -6.96 8.96 12.98
CA LEU B 228 -5.59 8.61 12.62
C LEU B 228 -5.44 7.13 13.01
N LYS B 229 -4.70 6.35 12.21
CA LYS B 229 -4.53 4.93 12.47
C LYS B 229 -3.21 4.58 13.14
N ALA B 230 -2.49 5.60 13.57
CA ALA B 230 -1.21 5.38 14.24
C ALA B 230 -0.81 6.59 15.07
K K C . -7.70 35.94 5.49
#